data_2A8M
#
_entry.id   2A8M
#
_cell.length_a   60.441
_cell.length_b   89.371
_cell.length_c   104.276
_cell.angle_alpha   90.00
_cell.angle_beta   90.00
_cell.angle_gamma   90.00
#
_symmetry.space_group_name_H-M   'P 21 21 21'
#
loop_
_entity.id
_entity.type
_entity.pdbx_description
1 polymer 'Threonine aspartase 1'
2 non-polymer 'CHLORIDE ION'
3 water water
#
_entity_poly.entity_id   1
_entity_poly.type   'polypeptide(L)'
_entity_poly.pdbx_seq_one_letter_code
;MTMEKGMSSGEGLPSRSSQVSAGKITAKELETKQSYKEKRGGFVLVHAGAGYHSESKAKEYKHVCKRACQKAIEKLQAGA
LATDAVTAALVELEDSPFTNAGMGSNLNLLGEIECDASIMDGKSLNFGAVGALSGIKNPVSVANRLLCEGQKGKLSAGRI
PPCFLVGEGAYRWAVDHGIPSCPPNIMTTRFSLAAFKRNKRKLELAERVDTDFMQLKKRRQSSEKENDSGTLDSVGAVVV
DHEGNVAAAVSSGGLALKHPGRVGQAALYGCGCWAENTGAHNPYSTAVSTSGCGEHLVRTILARECSHALQAEDAHQALL
ETMQNKFISSPFLASEDGVLGGVIVLRSCRCSAEPDSSQNKQTLLVEFLWSHTTESMCVGYMSAQDGKAKTHISRLPPGA
VAGQSVAIEGGVCRLESPVN
;
_entity_poly.pdbx_strand_id   A,B
#
loop_
_chem_comp.id
_chem_comp.type
_chem_comp.name
_chem_comp.formula
CL non-polymer 'CHLORIDE ION' 'Cl -1'
#
# COMPACT_ATOMS: atom_id res chain seq x y z
N GLY A 41 -11.73 26.43 16.67
CA GLY A 41 -12.37 26.04 15.37
C GLY A 41 -11.90 24.67 14.87
N GLY A 42 -12.86 23.80 14.57
CA GLY A 42 -12.53 22.46 14.10
C GLY A 42 -13.56 21.38 14.42
N PHE A 43 -13.34 20.19 13.86
CA PHE A 43 -14.23 19.05 14.07
C PHE A 43 -13.44 17.76 14.12
N VAL A 44 -13.92 16.79 14.89
CA VAL A 44 -13.25 15.50 15.04
C VAL A 44 -14.23 14.35 15.07
N LEU A 45 -13.88 13.27 14.38
CA LEU A 45 -14.68 12.07 14.36
C LEU A 45 -13.72 10.92 14.60
N VAL A 46 -13.99 10.11 15.62
CA VAL A 46 -13.12 8.98 15.94
C VAL A 46 -13.90 7.67 15.95
N HIS A 47 -13.17 6.56 16.05
CA HIS A 47 -13.78 5.23 16.09
C HIS A 47 -12.92 4.27 16.90
N ALA A 48 -13.52 3.16 17.32
CA ALA A 48 -12.81 2.14 18.08
C ALA A 48 -13.71 0.92 18.17
N GLY A 49 -13.10 -0.26 18.18
CA GLY A 49 -13.88 -1.48 18.27
C GLY A 49 -14.83 -1.74 17.11
N ALA A 50 -14.39 -1.44 15.89
CA ALA A 50 -15.22 -1.69 14.74
C ALA A 50 -15.18 -3.20 14.48
N GLY A 51 -16.05 -3.95 15.13
CA GLY A 51 -16.07 -5.38 14.95
C GLY A 51 -17.39 -5.99 15.38
N TYR A 52 -17.35 -6.96 16.29
CA TYR A 52 -18.58 -7.60 16.75
C TYR A 52 -19.12 -7.11 18.09
N HIS A 53 -20.44 -6.86 18.09
CA HIS A 53 -21.16 -6.32 19.23
C HIS A 53 -21.15 -7.12 20.53
N SER A 54 -20.71 -6.44 21.60
CA SER A 54 -20.64 -7.02 22.92
C SER A 54 -21.44 -6.15 23.88
N GLU A 55 -22.40 -6.78 24.55
CA GLU A 55 -23.24 -6.08 25.51
C GLU A 55 -22.39 -6.03 26.78
N SER A 56 -21.24 -5.36 26.68
CA SER A 56 -20.33 -5.25 27.81
C SER A 56 -19.28 -4.17 27.56
N LYS A 57 -18.39 -4.43 26.62
CA LYS A 57 -17.32 -3.49 26.27
C LYS A 57 -17.86 -2.18 25.70
N ALA A 58 -19.18 -2.14 25.49
CA ALA A 58 -19.83 -0.96 24.94
C ALA A 58 -19.58 0.31 25.75
N LYS A 59 -19.83 0.26 27.05
CA LYS A 59 -19.63 1.42 27.91
C LYS A 59 -18.20 1.94 27.91
N GLU A 60 -17.23 1.05 27.73
CA GLU A 60 -15.83 1.46 27.72
C GLU A 60 -15.50 2.27 26.46
N TYR A 61 -15.74 1.67 25.29
CA TYR A 61 -15.47 2.33 24.02
C TYR A 61 -16.05 3.73 23.98
N LYS A 62 -17.25 3.87 24.51
CA LYS A 62 -17.90 5.17 24.52
C LYS A 62 -17.02 6.14 25.32
N HIS A 63 -16.60 5.72 26.51
CA HIS A 63 -15.77 6.53 27.38
C HIS A 63 -14.45 6.95 26.71
N VAL A 64 -13.72 5.99 26.14
CA VAL A 64 -12.45 6.32 25.47
C VAL A 64 -12.68 7.20 24.24
N CYS A 65 -13.82 7.01 23.59
CA CYS A 65 -14.16 7.82 22.42
C CYS A 65 -14.47 9.23 22.87
N LYS A 66 -15.13 9.35 24.02
CA LYS A 66 -15.50 10.65 24.56
C LYS A 66 -14.29 11.54 24.80
N ARG A 67 -13.27 10.99 25.47
CA ARG A 67 -12.08 11.77 25.74
C ARG A 67 -11.21 11.94 24.51
N ALA A 68 -11.07 10.89 23.72
CA ALA A 68 -10.26 10.96 22.51
C ALA A 68 -10.69 12.21 21.73
N CYS A 69 -12.00 12.40 21.59
CA CYS A 69 -12.53 13.57 20.89
C CYS A 69 -12.11 14.85 21.58
N GLN A 70 -12.26 14.88 22.91
CA GLN A 70 -11.92 16.07 23.69
C GLN A 70 -10.44 16.43 23.57
N LYS A 71 -9.55 15.49 23.82
CA LYS A 71 -8.13 15.75 23.70
C LYS A 71 -7.92 16.45 22.37
N ALA A 72 -8.47 15.87 21.32
CA ALA A 72 -8.35 16.45 19.97
C ALA A 72 -8.81 17.90 20.00
N ILE A 73 -10.08 18.10 20.36
CA ILE A 73 -10.64 19.46 20.42
C ILE A 73 -9.75 20.39 21.26
N GLU A 74 -9.26 19.89 22.40
CA GLU A 74 -8.39 20.69 23.27
C GLU A 74 -7.32 21.33 22.37
N LYS A 75 -6.68 20.47 21.57
CA LYS A 75 -5.62 20.88 20.63
C LYS A 75 -6.11 21.83 19.56
N LEU A 76 -7.26 21.51 18.96
CA LEU A 76 -7.81 22.36 17.91
C LEU A 76 -8.12 23.74 18.41
N GLN A 77 -8.66 23.81 19.62
CA GLN A 77 -9.00 25.10 20.21
C GLN A 77 -7.67 25.76 20.58
N ALA A 78 -6.85 25.04 21.33
CA ALA A 78 -5.53 25.53 21.76
C ALA A 78 -4.73 26.04 20.57
N GLY A 79 -5.17 25.69 19.35
CA GLY A 79 -4.49 26.15 18.16
C GLY A 79 -3.70 25.15 17.32
N ALA A 80 -3.44 23.95 17.84
CA ALA A 80 -2.66 22.94 17.11
C ALA A 80 -3.13 22.72 15.66
N LEU A 81 -2.37 21.89 14.94
CA LEU A 81 -2.67 21.56 13.55
C LEU A 81 -3.61 20.38 13.46
N ALA A 82 -4.09 20.08 12.26
CA ALA A 82 -4.99 18.95 12.08
C ALA A 82 -4.29 17.68 12.52
N THR A 83 -3.02 17.55 12.16
CA THR A 83 -2.25 16.37 12.50
C THR A 83 -1.94 16.21 14.00
N ASP A 84 -1.61 17.29 14.70
CA ASP A 84 -1.33 17.19 16.14
C ASP A 84 -2.60 16.76 16.85
N ALA A 85 -3.72 17.28 16.38
CA ALA A 85 -5.03 16.96 16.95
C ALA A 85 -5.28 15.47 16.79
N VAL A 86 -5.41 15.02 15.54
CA VAL A 86 -5.71 13.62 15.29
C VAL A 86 -4.78 12.70 16.08
N THR A 87 -3.51 13.08 16.16
CA THR A 87 -2.53 12.28 16.89
C THR A 87 -2.95 12.12 18.34
N ALA A 88 -3.28 13.21 18.99
CA ALA A 88 -3.70 13.18 20.39
C ALA A 88 -4.92 12.26 20.58
N ALA A 89 -5.84 12.32 19.62
CA ALA A 89 -7.03 11.48 19.70
C ALA A 89 -6.60 10.00 19.68
N LEU A 90 -5.68 9.66 18.79
CA LEU A 90 -5.21 8.29 18.70
C LEU A 90 -4.35 7.87 19.90
N VAL A 91 -3.72 8.84 20.55
CA VAL A 91 -2.88 8.56 21.71
C VAL A 91 -3.82 8.13 22.82
N GLU A 92 -4.97 8.79 22.88
CA GLU A 92 -5.94 8.46 23.90
C GLU A 92 -6.58 7.13 23.51
N LEU A 93 -6.90 6.96 22.24
CA LEU A 93 -7.53 5.72 21.81
C LEU A 93 -6.63 4.51 22.06
N GLU A 94 -5.34 4.65 21.79
CA GLU A 94 -4.40 3.56 22.00
C GLU A 94 -4.24 3.23 23.49
N ASP A 95 -4.20 4.27 24.33
CA ASP A 95 -4.01 4.10 25.76
C ASP A 95 -5.11 3.36 26.54
N SER A 96 -6.30 3.23 25.94
CA SER A 96 -7.39 2.50 26.58
C SER A 96 -6.98 1.04 26.65
N PRO A 97 -6.90 0.47 27.86
CA PRO A 97 -6.51 -0.93 27.93
C PRO A 97 -7.46 -1.88 27.21
N PHE A 98 -8.61 -1.36 26.77
CA PHE A 98 -9.63 -2.17 26.09
C PHE A 98 -9.56 -2.16 24.57
N THR A 99 -8.78 -1.26 24.00
CA THR A 99 -8.66 -1.19 22.55
C THR A 99 -7.48 -2.03 22.09
N ASN A 100 -7.64 -2.64 20.92
CA ASN A 100 -6.59 -3.47 20.34
C ASN A 100 -5.62 -2.54 19.59
N ALA A 101 -5.01 -1.65 20.36
CA ALA A 101 -4.06 -0.67 19.83
C ALA A 101 -3.21 -0.17 20.97
N GLY A 102 -1.90 -0.11 20.76
CA GLY A 102 -1.04 0.36 21.83
C GLY A 102 -1.17 -0.58 23.00
N MET A 103 -1.30 -0.02 24.20
CA MET A 103 -1.42 -0.85 25.40
C MET A 103 -2.72 -1.62 25.39
N GLY A 104 -2.62 -2.93 25.18
CA GLY A 104 -3.80 -3.76 25.15
C GLY A 104 -3.93 -4.46 23.80
N SER A 105 -2.95 -4.22 22.92
CA SER A 105 -2.97 -4.84 21.61
C SER A 105 -2.94 -6.36 21.80
N ASN A 106 -3.51 -7.09 20.84
CA ASN A 106 -3.52 -8.54 20.92
C ASN A 106 -2.09 -9.02 20.86
N LEU A 107 -1.86 -10.30 21.12
CA LEU A 107 -0.51 -10.84 21.10
C LEU A 107 -0.27 -11.81 19.94
N ASN A 108 0.89 -11.71 19.31
CA ASN A 108 1.21 -12.59 18.20
C ASN A 108 1.37 -14.03 18.67
N LEU A 109 1.66 -14.92 17.72
CA LEU A 109 1.85 -16.33 18.01
C LEU A 109 2.85 -16.55 19.14
N LEU A 110 3.84 -15.66 19.26
CA LEU A 110 4.86 -15.77 20.31
C LEU A 110 4.56 -14.85 21.49
N GLY A 111 3.27 -14.58 21.74
CA GLY A 111 2.91 -13.72 22.86
C GLY A 111 3.48 -12.31 22.84
N GLU A 112 4.33 -12.02 21.86
CA GLU A 112 4.91 -10.69 21.75
C GLU A 112 3.90 -9.72 21.13
N ILE A 113 4.08 -8.43 21.38
CA ILE A 113 3.20 -7.40 20.83
C ILE A 113 3.84 -6.65 19.65
N GLU A 114 3.04 -6.40 18.60
CA GLU A 114 3.51 -5.69 17.42
C GLU A 114 2.40 -4.78 16.95
N CYS A 115 2.68 -3.48 16.87
CA CYS A 115 1.69 -2.51 16.46
C CYS A 115 1.92 -1.91 15.09
N ASP A 116 0.81 -1.57 14.44
CA ASP A 116 0.81 -0.93 13.12
C ASP A 116 0.12 0.40 13.31
N ALA A 117 0.55 1.42 12.58
CA ALA A 117 -0.09 2.73 12.65
C ALA A 117 0.42 3.62 11.54
N SER A 118 -0.43 4.55 11.12
CA SER A 118 -0.10 5.46 10.05
C SER A 118 -0.95 6.72 10.23
N ILE A 119 -0.50 7.79 9.60
CA ILE A 119 -1.16 9.08 9.71
C ILE A 119 -0.91 9.85 8.44
N MET A 120 -1.86 10.69 8.04
CA MET A 120 -1.69 11.46 6.82
C MET A 120 -2.25 12.87 6.93
N ASP A 121 -1.47 13.84 6.46
CA ASP A 121 -1.88 15.22 6.52
C ASP A 121 -2.36 15.70 5.18
N GLY A 122 -3.61 16.17 5.13
CA GLY A 122 -4.21 16.64 3.91
C GLY A 122 -3.63 17.91 3.28
N LYS A 123 -3.05 18.81 4.06
CA LYS A 123 -2.51 20.02 3.47
C LYS A 123 -1.26 19.70 2.64
N SER A 124 -0.27 19.10 3.30
CA SER A 124 0.99 18.75 2.63
C SER A 124 0.95 17.43 1.88
N LEU A 125 0.01 16.56 2.25
CA LEU A 125 -0.15 15.24 1.64
C LEU A 125 0.92 14.25 2.04
N ASN A 126 1.55 14.48 3.19
CA ASN A 126 2.58 13.59 3.70
C ASN A 126 1.98 12.43 4.51
N PHE A 127 2.74 11.36 4.61
CA PHE A 127 2.26 10.17 5.26
C PHE A 127 3.33 9.55 6.15
N GLY A 128 2.92 9.11 7.34
CA GLY A 128 3.82 8.47 8.27
C GLY A 128 3.23 7.13 8.71
N ALA A 129 4.03 6.07 8.77
CA ALA A 129 3.51 4.76 9.16
C ALA A 129 4.56 3.84 9.74
N VAL A 130 4.15 3.05 10.72
CA VAL A 130 5.04 2.06 11.34
C VAL A 130 4.35 0.70 11.31
N GLY A 131 5.14 -0.36 11.23
CA GLY A 131 4.57 -1.68 11.20
C GLY A 131 5.37 -2.64 12.05
N ALA A 132 4.67 -3.54 12.75
CA ALA A 132 5.34 -4.50 13.61
C ALA A 132 6.24 -3.76 14.60
N LEU A 133 5.72 -2.69 15.20
CA LEU A 133 6.47 -1.89 16.17
C LEU A 133 6.24 -2.40 17.60
N SER A 134 7.31 -2.52 18.36
CA SER A 134 7.20 -2.97 19.75
C SER A 134 8.15 -2.17 20.62
N GLY A 135 7.72 -1.89 21.86
CA GLY A 135 8.53 -1.14 22.78
C GLY A 135 8.14 0.33 22.85
N ILE A 136 7.11 0.72 22.12
CA ILE A 136 6.67 2.11 22.15
C ILE A 136 5.25 2.17 22.70
N LYS A 137 5.00 3.07 23.64
CA LYS A 137 3.68 3.20 24.23
C LYS A 137 2.63 3.68 23.24
N ASN A 138 2.99 4.65 22.40
CA ASN A 138 2.07 5.19 21.41
C ASN A 138 2.57 5.12 19.97
N PRO A 139 2.37 3.96 19.32
CA PRO A 139 2.81 3.79 17.93
C PRO A 139 2.42 4.94 17.03
N VAL A 140 1.23 5.51 17.22
CA VAL A 140 0.84 6.60 16.34
C VAL A 140 1.77 7.78 16.49
N SER A 141 2.36 7.92 17.66
CA SER A 141 3.25 9.03 17.91
C SER A 141 4.50 8.93 17.02
N VAL A 142 4.94 7.70 16.77
CA VAL A 142 6.11 7.42 15.95
C VAL A 142 5.82 7.67 14.46
N ALA A 143 4.56 7.47 14.08
CA ALA A 143 4.14 7.66 12.70
C ALA A 143 4.02 9.14 12.46
N ASN A 144 3.51 9.86 13.46
CA ASN A 144 3.35 11.30 13.37
C ASN A 144 4.72 11.97 13.32
N ARG A 145 5.66 11.43 14.08
CA ARG A 145 7.01 11.95 14.10
C ARG A 145 7.60 11.75 12.70
N LEU A 146 7.52 10.53 12.19
CA LEU A 146 8.01 10.25 10.84
C LEU A 146 7.39 11.20 9.82
N LEU A 147 6.12 11.50 10.00
CA LEU A 147 5.45 12.40 9.06
C LEU A 147 6.07 13.78 9.20
N CYS A 148 6.07 14.33 10.40
CA CYS A 148 6.64 15.65 10.61
C CYS A 148 8.06 15.76 10.08
N GLU A 149 8.90 14.79 10.43
CA GLU A 149 10.27 14.81 9.94
C GLU A 149 10.23 14.81 8.42
N GLY A 150 9.34 14.01 7.87
CA GLY A 150 9.20 13.91 6.43
C GLY A 150 8.77 15.21 5.76
N GLN A 151 8.24 16.15 6.53
CA GLN A 151 7.81 17.43 5.95
C GLN A 151 8.95 18.44 5.91
N LYS A 152 10.09 18.07 6.49
CA LYS A 152 11.24 18.96 6.51
C LYS A 152 12.02 18.84 5.20
N GLY A 153 11.51 18.01 4.28
CA GLY A 153 12.18 17.83 3.01
C GLY A 153 13.51 17.13 3.16
N LYS A 154 14.29 17.12 2.09
CA LYS A 154 15.61 16.48 2.08
C LYS A 154 16.62 17.20 2.97
N LEU A 155 16.15 17.71 4.11
CA LEU A 155 17.02 18.43 5.05
C LEU A 155 17.84 17.45 5.90
N GLY A 158 19.16 15.08 4.84
CA GLY A 158 19.86 15.37 3.59
C GLY A 158 19.64 14.26 2.59
N ARG A 159 18.42 13.72 2.57
CA ARG A 159 18.04 12.63 1.69
C ARG A 159 16.51 12.57 1.77
N ILE A 160 15.87 11.89 0.84
CA ILE A 160 14.41 11.78 0.88
C ILE A 160 14.01 11.02 2.15
N PRO A 161 13.21 11.64 3.03
CA PRO A 161 12.74 11.06 4.29
C PRO A 161 11.97 9.75 4.17
N PRO A 162 12.03 8.90 5.21
CA PRO A 162 11.34 7.61 5.26
C PRO A 162 9.88 7.82 5.66
N CYS A 163 8.95 7.26 4.90
CA CYS A 163 7.55 7.41 5.26
C CYS A 163 7.01 6.15 5.93
N PHE A 164 7.83 5.10 5.98
CA PHE A 164 7.37 3.85 6.58
C PHE A 164 8.52 2.99 7.08
N LEU A 165 8.53 2.68 8.38
CA LEU A 165 9.55 1.83 9.00
C LEU A 165 8.88 0.63 9.68
N VAL A 166 9.65 -0.41 9.98
CA VAL A 166 9.12 -1.60 10.62
C VAL A 166 10.12 -2.26 11.55
N GLY A 167 9.60 -3.06 12.48
CA GLY A 167 10.42 -3.78 13.43
C GLY A 167 11.42 -3.00 14.25
N GLU A 168 12.56 -3.64 14.51
CA GLU A 168 13.62 -3.05 15.29
C GLU A 168 13.89 -1.63 14.79
N GLY A 169 14.02 -1.49 13.47
CA GLY A 169 14.27 -0.20 12.86
C GLY A 169 13.35 0.93 13.29
N ALA A 170 12.04 0.72 13.17
CA ALA A 170 11.07 1.74 13.56
C ALA A 170 11.34 2.11 15.01
N TYR A 171 11.52 1.07 15.82
CA TYR A 171 11.77 1.24 17.25
C TYR A 171 13.02 2.09 17.54
N ARG A 172 14.10 1.79 16.83
CA ARG A 172 15.35 2.50 17.03
C ARG A 172 15.23 3.94 16.54
N TRP A 173 14.56 4.12 15.43
CA TRP A 173 14.35 5.45 14.89
C TRP A 173 13.56 6.23 15.95
N ALA A 174 12.48 5.62 16.43
CA ALA A 174 11.64 6.24 17.45
C ALA A 174 12.50 6.77 18.61
N VAL A 175 13.21 5.86 19.27
CA VAL A 175 14.07 6.23 20.37
C VAL A 175 15.03 7.34 19.92
N ASP A 176 15.72 7.10 18.82
CA ASP A 176 16.69 8.06 18.28
C ASP A 176 16.08 9.43 18.04
N HIS A 177 14.80 9.58 18.36
CA HIS A 177 14.13 10.85 18.15
C HIS A 177 13.41 11.28 19.42
N GLY A 178 13.76 10.63 20.53
CA GLY A 178 13.17 10.95 21.81
C GLY A 178 11.73 10.52 22.01
N ILE A 179 11.42 9.26 21.73
CA ILE A 179 10.06 8.76 21.91
C ILE A 179 10.02 7.75 23.06
N PRO A 180 9.03 7.89 23.95
CA PRO A 180 8.83 7.02 25.12
C PRO A 180 8.84 5.53 24.83
N SER A 181 9.87 4.84 25.30
CA SER A 181 9.96 3.40 25.09
C SER A 181 9.42 2.64 26.29
N CYS A 182 8.46 1.75 26.04
CA CYS A 182 7.86 0.93 27.08
C CYS A 182 8.92 -0.02 27.64
N PRO A 183 9.32 0.19 28.91
CA PRO A 183 10.32 -0.66 29.56
C PRO A 183 9.95 -2.15 29.58
N SER A 234 -8.73 -2.09 16.65
CA SER A 234 -8.24 -1.06 15.76
C SER A 234 -9.00 0.24 16.04
N VAL A 235 -8.25 1.33 16.22
CA VAL A 235 -8.84 2.63 16.49
C VAL A 235 -8.40 3.63 15.44
N GLY A 236 -9.17 4.70 15.25
CA GLY A 236 -8.81 5.70 14.26
C GLY A 236 -9.56 7.00 14.43
N ALA A 237 -9.21 8.03 13.65
CA ALA A 237 -9.89 9.31 13.78
C ALA A 237 -9.71 10.17 12.56
N VAL A 238 -10.51 11.23 12.49
CA VAL A 238 -10.45 12.21 11.41
C VAL A 238 -10.67 13.58 12.03
N VAL A 239 -10.05 14.60 11.45
CA VAL A 239 -10.14 15.95 11.99
C VAL A 239 -10.08 16.98 10.87
N VAL A 240 -10.58 18.18 11.17
CA VAL A 240 -10.56 19.30 10.25
C VAL A 240 -10.37 20.54 11.12
N ASP A 241 -9.34 21.34 10.83
CA ASP A 241 -9.09 22.54 11.63
C ASP A 241 -9.91 23.74 11.18
N HIS A 242 -9.63 24.91 11.76
CA HIS A 242 -10.37 26.12 11.43
C HIS A 242 -10.03 26.58 10.02
N GLU A 243 -8.80 26.29 9.61
CA GLU A 243 -8.32 26.64 8.27
C GLU A 243 -9.06 25.82 7.22
N GLY A 244 -9.38 24.57 7.56
CA GLY A 244 -10.08 23.69 6.65
C GLY A 244 -9.23 22.50 6.25
N ASN A 245 -8.14 22.28 6.98
CA ASN A 245 -7.25 21.16 6.70
C ASN A 245 -7.72 19.90 7.39
N VAL A 246 -7.83 18.83 6.62
CA VAL A 246 -8.25 17.56 7.16
C VAL A 246 -7.02 16.70 7.41
N ALA A 247 -7.15 15.70 8.28
CA ALA A 247 -6.07 14.78 8.61
C ALA A 247 -6.69 13.54 9.23
N ALA A 248 -5.97 12.43 9.15
CA ALA A 248 -6.44 11.16 9.70
C ALA A 248 -5.29 10.28 10.14
N ALA A 249 -5.60 9.36 11.04
CA ALA A 249 -4.60 8.44 11.55
C ALA A 249 -5.33 7.15 11.92
N VAL A 250 -4.57 6.09 12.14
CA VAL A 250 -5.15 4.82 12.48
C VAL A 250 -4.10 4.00 13.22
N SER A 251 -4.54 3.25 14.21
CA SER A 251 -3.64 2.43 14.99
C SER A 251 -4.30 1.11 15.39
N SER A 252 -3.57 0.01 15.24
CA SER A 252 -4.07 -1.32 15.59
C SER A 252 -2.94 -2.24 16.03
N GLY A 253 -3.32 -3.29 16.75
CA GLY A 253 -2.37 -4.27 17.23
C GLY A 253 -2.36 -5.52 16.39
N GLY A 254 -3.20 -5.57 15.36
CA GLY A 254 -3.24 -6.73 14.48
C GLY A 254 -4.13 -7.87 14.95
N LEU A 255 -4.10 -8.97 14.20
CA LEU A 255 -4.90 -10.15 14.52
C LEU A 255 -4.26 -10.89 15.68
N ALA A 256 -5.07 -11.67 16.39
CA ALA A 256 -4.55 -12.44 17.51
C ALA A 256 -3.79 -13.66 16.99
N LEU A 257 -2.68 -13.97 17.63
CA LEU A 257 -1.85 -15.11 17.27
C LEU A 257 -1.27 -14.97 15.88
N LYS A 258 -1.37 -13.77 15.30
CA LYS A 258 -0.83 -13.52 13.98
C LYS A 258 0.65 -13.86 13.99
N HIS A 259 1.15 -14.45 12.91
CA HIS A 259 2.55 -14.80 12.82
C HIS A 259 3.39 -13.55 13.01
N PRO A 260 4.54 -13.66 13.71
CA PRO A 260 5.43 -12.52 13.95
C PRO A 260 5.92 -11.87 12.67
N GLY A 261 5.65 -10.58 12.52
CA GLY A 261 6.09 -9.89 11.33
C GLY A 261 4.96 -9.64 10.36
N ARG A 262 3.74 -9.91 10.83
CA ARG A 262 2.57 -9.71 10.01
C ARG A 262 2.04 -8.31 10.18
N VAL A 263 2.10 -7.54 9.10
CA VAL A 263 1.63 -6.15 9.09
C VAL A 263 0.25 -6.04 8.43
N GLY A 264 -0.64 -5.28 9.06
CA GLY A 264 -1.98 -5.11 8.52
C GLY A 264 -2.25 -3.77 7.83
N GLN A 265 -3.53 -3.44 7.69
CA GLN A 265 -3.92 -2.22 7.02
C GLN A 265 -3.59 -0.88 7.70
N ALA A 266 -3.39 -0.89 9.01
CA ALA A 266 -3.09 0.36 9.71
C ALA A 266 -1.69 0.92 9.39
N ALA A 267 -0.84 0.08 8.79
CA ALA A 267 0.50 0.51 8.41
C ALA A 267 0.58 0.80 6.91
N LEU A 268 -0.28 0.16 6.14
CA LEU A 268 -0.27 0.35 4.69
C LEU A 268 -0.91 1.60 4.11
N TYR A 269 -0.09 2.39 3.44
CA TYR A 269 -0.50 3.61 2.78
C TYR A 269 -1.77 3.40 1.92
N GLY A 270 -2.74 4.30 2.08
CA GLY A 270 -3.96 4.23 1.30
C GLY A 270 -4.98 3.22 1.81
N CYS A 271 -4.60 2.42 2.79
CA CYS A 271 -5.50 1.40 3.35
C CYS A 271 -6.08 1.82 4.70
N GLY A 272 -5.23 1.99 5.70
CA GLY A 272 -5.70 2.38 7.01
C GLY A 272 -6.35 3.76 7.03
N CYS A 273 -5.67 4.75 6.47
CA CYS A 273 -6.21 6.11 6.44
C CYS A 273 -5.86 6.86 5.18
N TRP A 274 -6.53 7.98 4.98
CA TRP A 274 -6.29 8.83 3.83
C TRP A 274 -6.78 10.21 4.17
N ALA A 275 -5.92 11.20 3.96
CA ALA A 275 -6.25 12.58 4.23
C ALA A 275 -5.75 13.37 3.03
N GLU A 276 -6.65 14.12 2.41
CA GLU A 276 -6.31 14.90 1.23
C GLU A 276 -7.17 16.15 1.06
N ASN A 277 -6.55 17.32 1.12
CA ASN A 277 -7.24 18.61 0.98
C ASN A 277 -7.85 18.84 -0.39
N THR A 278 -8.47 20.01 -0.56
CA THR A 278 -9.12 20.40 -1.81
C THR A 278 -8.04 20.74 -2.84
N GLY A 279 -8.34 20.53 -4.12
CA GLY A 279 -7.38 20.83 -5.16
C GLY A 279 -8.02 20.98 -6.51
N ALA A 280 -7.20 21.24 -7.53
CA ALA A 280 -7.70 21.42 -8.88
C ALA A 280 -8.27 20.10 -9.41
N HIS A 281 -8.37 19.11 -8.53
CA HIS A 281 -8.89 17.79 -8.90
C HIS A 281 -9.83 17.25 -7.81
N ASN A 282 -9.80 17.89 -6.64
CA ASN A 282 -10.62 17.49 -5.51
C ASN A 282 -11.43 18.65 -4.94
N PRO A 283 -12.74 18.68 -5.24
CA PRO A 283 -13.68 19.70 -4.79
C PRO A 283 -13.85 19.74 -3.27
N TYR A 284 -13.66 18.60 -2.63
CA TYR A 284 -13.80 18.48 -1.18
C TYR A 284 -12.48 18.09 -0.52
N SER A 285 -12.38 18.39 0.77
CA SER A 285 -11.23 17.98 1.53
C SER A 285 -11.80 16.79 2.28
N THR A 286 -11.27 15.60 1.99
CA THR A 286 -11.74 14.36 2.60
C THR A 286 -10.70 13.68 3.47
N ALA A 287 -11.18 12.95 4.48
CA ALA A 287 -10.33 12.23 5.41
C ALA A 287 -10.99 10.90 5.78
N VAL A 288 -10.23 9.81 5.71
CA VAL A 288 -10.77 8.49 6.02
C VAL A 288 -9.87 7.64 6.93
N SER A 289 -10.50 6.78 7.74
CA SER A 289 -9.78 5.88 8.64
C SER A 289 -10.54 4.55 8.65
N THR A 290 -9.82 3.44 8.57
CA THR A 290 -10.47 2.13 8.52
C THR A 290 -10.23 1.19 9.69
N SER A 291 -11.03 0.14 9.72
CA SER A 291 -10.95 -0.86 10.77
C SER A 291 -11.50 -2.21 10.31
N GLY A 292 -11.10 -3.26 11.02
CA GLY A 292 -11.58 -4.59 10.68
C GLY A 292 -10.51 -5.52 10.17
N CYS A 293 -10.93 -6.49 9.37
CA CYS A 293 -10.01 -7.46 8.81
C CYS A 293 -9.03 -6.74 7.88
N GLY A 294 -7.82 -6.50 8.40
CA GLY A 294 -6.81 -5.80 7.63
C GLY A 294 -6.64 -6.27 6.21
N GLU A 295 -6.73 -7.58 6.00
CA GLU A 295 -6.57 -8.17 4.67
C GLU A 295 -7.65 -7.71 3.69
N HIS A 296 -8.85 -7.49 4.21
CA HIS A 296 -9.96 -7.06 3.37
C HIS A 296 -9.84 -5.59 2.99
N LEU A 297 -9.28 -4.80 3.90
CA LEU A 297 -9.11 -3.38 3.67
C LEU A 297 -7.93 -3.10 2.75
N VAL A 298 -6.94 -3.97 2.78
CA VAL A 298 -5.76 -3.79 1.95
C VAL A 298 -6.01 -4.22 0.53
N ARG A 299 -6.49 -5.45 0.36
CA ARG A 299 -6.75 -5.98 -0.97
C ARG A 299 -7.59 -5.02 -1.79
N THR A 300 -8.31 -4.15 -1.10
CA THR A 300 -9.20 -3.19 -1.74
C THR A 300 -8.85 -1.72 -1.57
N ILE A 301 -7.74 -1.43 -0.89
CA ILE A 301 -7.28 -0.05 -0.64
C ILE A 301 -8.45 0.87 -0.31
N LEU A 302 -9.28 0.41 0.63
CA LEU A 302 -10.48 1.12 1.04
C LEU A 302 -10.35 2.60 1.39
N ALA A 303 -9.33 2.97 2.15
CA ALA A 303 -9.20 4.38 2.52
C ALA A 303 -9.18 5.25 1.27
N ARG A 304 -8.11 5.13 0.49
CA ARG A 304 -7.97 5.91 -0.75
C ARG A 304 -9.25 5.84 -1.57
N GLU A 305 -9.80 4.63 -1.66
CA GLU A 305 -11.01 4.38 -2.43
C GLU A 305 -12.19 5.21 -1.94
N CYS A 306 -12.33 5.35 -0.63
CA CYS A 306 -13.42 6.14 -0.07
C CYS A 306 -13.23 7.63 -0.40
N SER A 307 -11.98 8.09 -0.32
CA SER A 307 -11.67 9.49 -0.62
C SER A 307 -11.99 9.85 -2.06
N HIS A 308 -11.72 8.94 -2.99
CA HIS A 308 -12.00 9.22 -4.39
C HIS A 308 -13.51 9.25 -4.59
N ALA A 309 -14.21 8.29 -3.99
CA ALA A 309 -15.66 8.24 -4.14
C ALA A 309 -16.32 9.48 -3.58
N LEU A 310 -15.87 9.90 -2.40
CA LEU A 310 -16.44 11.06 -1.73
C LEU A 310 -16.28 12.39 -2.45
N GLN A 311 -15.73 12.36 -3.66
CA GLN A 311 -15.57 13.56 -4.46
C GLN A 311 -16.85 13.83 -5.23
N ALA A 312 -17.79 12.89 -5.14
CA ALA A 312 -19.08 13.02 -5.82
C ALA A 312 -19.99 13.92 -4.98
N GLU A 313 -21.06 14.41 -5.61
CA GLU A 313 -21.99 15.30 -4.92
C GLU A 313 -22.66 14.69 -3.67
N ASP A 314 -23.19 13.48 -3.80
CA ASP A 314 -23.86 12.81 -2.68
C ASP A 314 -22.90 11.96 -1.86
N ALA A 315 -22.45 12.51 -0.74
CA ALA A 315 -21.51 11.82 0.14
C ALA A 315 -22.05 10.51 0.65
N HIS A 316 -23.28 10.55 1.14
CA HIS A 316 -23.93 9.35 1.67
C HIS A 316 -24.02 8.22 0.64
N GLN A 317 -24.36 8.57 -0.59
CA GLN A 317 -24.48 7.55 -1.63
C GLN A 317 -23.15 7.14 -2.22
N ALA A 318 -22.15 8.00 -2.15
CA ALA A 318 -20.83 7.66 -2.67
C ALA A 318 -20.24 6.58 -1.77
N LEU A 319 -20.26 6.82 -0.47
CA LEU A 319 -19.73 5.87 0.49
C LEU A 319 -20.48 4.56 0.40
N LEU A 320 -21.80 4.63 0.37
CA LEU A 320 -22.59 3.42 0.31
C LEU A 320 -22.17 2.55 -0.85
N GLU A 321 -22.04 3.18 -2.02
CA GLU A 321 -21.63 2.48 -3.24
C GLU A 321 -20.27 1.85 -3.06
N THR A 322 -19.37 2.57 -2.40
CA THR A 322 -18.03 2.05 -2.16
C THR A 322 -18.07 0.82 -1.25
N MET A 323 -18.84 0.87 -0.18
CA MET A 323 -18.90 -0.27 0.75
C MET A 323 -19.49 -1.52 0.11
N GLN A 324 -20.28 -1.33 -0.93
CA GLN A 324 -20.91 -2.44 -1.61
C GLN A 324 -20.14 -2.93 -2.83
N ASN A 325 -19.91 -2.01 -3.77
CA ASN A 325 -19.22 -2.33 -5.02
C ASN A 325 -17.75 -2.62 -4.85
N LYS A 326 -17.04 -1.66 -4.26
CA LYS A 326 -15.60 -1.77 -4.07
C LYS A 326 -15.14 -2.57 -2.85
N PHE A 327 -16.08 -2.95 -1.99
CA PHE A 327 -15.73 -3.69 -0.78
C PHE A 327 -16.44 -5.02 -0.66
N ILE A 328 -17.73 -4.99 -0.34
CA ILE A 328 -18.49 -6.22 -0.19
C ILE A 328 -18.44 -7.13 -1.41
N SER A 329 -18.60 -6.56 -2.60
CA SER A 329 -18.59 -7.37 -3.81
C SER A 329 -17.28 -7.29 -4.61
N SER A 330 -16.29 -6.61 -4.04
CA SER A 330 -15.02 -6.47 -4.71
C SER A 330 -14.48 -7.77 -5.29
N PRO A 331 -14.20 -7.78 -6.59
CA PRO A 331 -13.67 -8.99 -7.22
C PRO A 331 -12.50 -9.50 -6.39
N PHE A 332 -11.72 -8.56 -5.87
CA PHE A 332 -10.53 -8.89 -5.07
C PHE A 332 -10.80 -9.59 -3.74
N LEU A 333 -12.07 -9.82 -3.42
CA LEU A 333 -12.45 -10.51 -2.17
C LEU A 333 -13.54 -11.56 -2.44
N ALA A 334 -13.78 -11.85 -3.71
CA ALA A 334 -14.79 -12.84 -4.11
C ALA A 334 -14.55 -14.23 -3.53
N SER A 335 -13.30 -14.51 -3.17
CA SER A 335 -12.95 -15.82 -2.62
C SER A 335 -13.10 -15.83 -1.10
N GLU A 336 -13.77 -14.82 -0.56
CA GLU A 336 -13.96 -14.73 0.88
C GLU A 336 -15.35 -15.20 1.32
N ASP A 337 -15.45 -15.60 2.59
CA ASP A 337 -16.71 -16.06 3.17
C ASP A 337 -17.13 -14.99 4.16
N GLY A 338 -17.24 -13.76 3.66
CA GLY A 338 -17.62 -12.63 4.49
C GLY A 338 -16.58 -11.55 4.37
N VAL A 339 -17.03 -10.30 4.25
CA VAL A 339 -16.15 -9.15 4.14
C VAL A 339 -16.40 -8.24 5.34
N LEU A 340 -15.41 -8.14 6.23
CA LEU A 340 -15.51 -7.35 7.47
C LEU A 340 -14.60 -6.12 7.53
N GLY A 341 -15.20 -4.99 7.88
CA GLY A 341 -14.45 -3.75 7.98
C GLY A 341 -15.37 -2.57 8.23
N GLY A 342 -14.77 -1.45 8.62
CA GLY A 342 -15.55 -0.26 8.89
C GLY A 342 -14.72 0.99 8.64
N VAL A 343 -15.38 2.11 8.40
CA VAL A 343 -14.65 3.33 8.16
C VAL A 343 -15.40 4.54 8.69
N ILE A 344 -14.64 5.57 9.02
CA ILE A 344 -15.26 6.81 9.46
C ILE A 344 -14.78 7.79 8.41
N VAL A 345 -15.61 8.77 8.09
CA VAL A 345 -15.18 9.73 7.09
C VAL A 345 -15.64 11.13 7.39
N LEU A 346 -14.84 12.09 6.95
CA LEU A 346 -15.13 13.50 7.15
C LEU A 346 -14.92 14.21 5.80
N ARG A 347 -15.84 15.11 5.45
CA ARG A 347 -15.74 15.85 4.20
C ARG A 347 -16.14 17.33 4.34
N SER A 348 -15.13 18.21 4.37
CA SER A 348 -15.39 19.64 4.51
C SER A 348 -15.12 20.38 3.20
N CYS A 349 -16.00 21.31 2.84
CA CYS A 349 -15.84 22.08 1.61
C CYS A 349 -15.66 23.57 1.92
N LEU A 364 -17.47 27.16 6.42
CA LEU A 364 -16.86 25.84 6.31
C LEU A 364 -17.86 24.72 6.65
N LEU A 365 -18.31 23.99 5.62
CA LEU A 365 -19.27 22.90 5.83
C LEU A 365 -18.60 21.55 5.99
N VAL A 366 -18.98 20.82 7.04
CA VAL A 366 -18.42 19.51 7.35
C VAL A 366 -19.44 18.40 7.37
N GLU A 367 -19.27 17.41 6.50
CA GLU A 367 -20.17 16.27 6.48
C GLU A 367 -19.37 15.09 7.03
N PHE A 368 -19.92 14.38 8.00
CA PHE A 368 -19.22 13.24 8.59
C PHE A 368 -20.09 12.00 8.57
N LEU A 369 -19.48 10.85 8.27
CA LEU A 369 -20.22 9.59 8.22
C LEU A 369 -19.36 8.45 8.71
N TRP A 370 -19.99 7.30 8.91
CA TRP A 370 -19.29 6.09 9.31
C TRP A 370 -20.07 4.94 8.68
N SER A 371 -19.39 3.85 8.39
CA SER A 371 -20.02 2.71 7.76
C SER A 371 -19.26 1.42 8.09
N HIS A 372 -19.98 0.33 8.29
CA HIS A 372 -19.34 -0.94 8.60
C HIS A 372 -20.13 -2.13 8.09
N THR A 373 -19.44 -3.25 7.98
CA THR A 373 -20.05 -4.49 7.53
C THR A 373 -19.95 -5.47 8.69
N THR A 374 -19.51 -4.96 9.84
CA THR A 374 -19.40 -5.73 11.08
C THR A 374 -20.69 -5.47 11.84
N GLU A 375 -21.00 -6.33 12.80
CA GLU A 375 -22.23 -6.17 13.58
C GLU A 375 -22.25 -4.80 14.24
N SER A 376 -21.07 -4.33 14.63
CA SER A 376 -21.02 -3.02 15.27
C SER A 376 -19.70 -2.27 15.15
N MET A 377 -19.78 -1.00 15.51
CA MET A 377 -18.65 -0.10 15.47
C MET A 377 -19.07 1.05 16.36
N CYS A 378 -18.17 1.43 17.26
CA CYS A 378 -18.40 2.52 18.18
C CYS A 378 -17.73 3.75 17.65
N VAL A 379 -18.39 4.89 17.77
CA VAL A 379 -17.84 6.13 17.27
C VAL A 379 -18.20 7.31 18.16
N GLY A 380 -17.42 8.37 18.04
CA GLY A 380 -17.66 9.56 18.82
C GLY A 380 -17.26 10.77 17.99
N TYR A 381 -17.98 11.86 18.17
CA TYR A 381 -17.67 13.09 17.44
C TYR A 381 -18.06 14.31 18.25
N MET A 382 -17.50 15.44 17.87
CA MET A 382 -17.74 16.70 18.55
C MET A 382 -17.15 17.86 17.79
N SER A 383 -17.89 18.97 17.77
CA SER A 383 -17.43 20.17 17.09
C SER A 383 -16.60 20.97 18.11
N ALA A 384 -15.77 21.89 17.65
CA ALA A 384 -14.95 22.69 18.55
C ALA A 384 -15.75 23.86 19.09
N GLN A 385 -16.86 24.16 18.42
CA GLN A 385 -17.75 25.24 18.82
C GLN A 385 -19.01 24.53 19.29
N ASP A 386 -18.81 23.39 19.92
CA ASP A 386 -19.91 22.55 20.39
C ASP A 386 -19.92 22.21 21.89
N GLY A 387 -18.76 21.91 22.46
CA GLY A 387 -18.72 21.57 23.88
C GLY A 387 -19.38 20.22 24.10
N LYS A 388 -18.83 19.40 24.99
CA LYS A 388 -19.37 18.06 25.26
C LYS A 388 -19.43 17.18 24.00
N ALA A 389 -18.77 16.03 24.05
CA ALA A 389 -18.75 15.11 22.93
C ALA A 389 -20.05 14.33 22.77
N LYS A 390 -20.06 13.41 21.80
CA LYS A 390 -21.22 12.58 21.53
C LYS A 390 -20.68 11.22 21.08
N THR A 391 -21.13 10.17 21.75
CA THR A 391 -20.71 8.81 21.43
C THR A 391 -21.91 8.00 20.96
N HIS A 392 -21.66 7.05 20.07
CA HIS A 392 -22.71 6.22 19.52
C HIS A 392 -22.19 4.83 19.15
N ILE A 393 -23.06 3.84 19.29
CA ILE A 393 -22.72 2.46 18.93
C ILE A 393 -23.47 2.16 17.66
N SER A 394 -22.75 1.99 16.55
CA SER A 394 -23.39 1.69 15.29
C SER A 394 -23.56 0.20 15.17
N ARG A 395 -24.79 -0.22 14.90
CA ARG A 395 -25.12 -1.64 14.76
C ARG A 395 -25.80 -1.87 13.42
N LEU A 396 -25.61 -3.05 12.85
CA LEU A 396 -26.22 -3.42 11.58
C LEU A 396 -27.71 -3.66 11.74
N PRO A 397 -28.50 -3.31 10.70
CA PRO A 397 -29.95 -3.51 10.74
C PRO A 397 -30.32 -4.91 11.18
N PRO A 398 -31.47 -5.07 11.85
CA PRO A 398 -31.91 -6.39 12.31
C PRO A 398 -32.06 -7.36 11.13
N GLY A 399 -31.63 -8.60 11.34
CA GLY A 399 -31.74 -9.59 10.28
C GLY A 399 -30.62 -9.54 9.29
N ALA A 400 -29.94 -8.41 9.18
CA ALA A 400 -28.82 -8.24 8.25
C ALA A 400 -27.60 -9.04 8.73
N VAL A 401 -27.06 -9.86 7.83
CA VAL A 401 -25.91 -10.70 8.14
C VAL A 401 -24.60 -9.94 8.16
N ALA A 402 -23.79 -10.17 9.19
CA ALA A 402 -22.50 -9.51 9.32
C ALA A 402 -21.56 -9.94 8.20
N GLY A 403 -20.91 -8.96 7.56
CA GLY A 403 -19.98 -9.24 6.47
C GLY A 403 -20.67 -9.45 5.13
N GLN A 404 -21.98 -9.23 5.10
CA GLN A 404 -22.79 -9.40 3.89
C GLN A 404 -23.66 -8.20 3.60
N SER A 405 -23.70 -7.26 4.54
CA SER A 405 -24.53 -6.06 4.38
C SER A 405 -23.85 -4.81 4.97
N VAL A 406 -24.49 -3.66 4.78
CA VAL A 406 -23.90 -2.40 5.22
C VAL A 406 -24.76 -1.52 6.10
N ALA A 407 -24.11 -0.85 7.05
CA ALA A 407 -24.78 0.10 7.92
C ALA A 407 -24.05 1.40 7.59
N ILE A 408 -24.76 2.52 7.63
CA ILE A 408 -24.16 3.81 7.34
C ILE A 408 -25.01 4.94 7.89
N GLU A 409 -24.36 5.91 8.53
CA GLU A 409 -25.03 7.06 9.10
C GLU A 409 -24.08 8.25 9.17
N GLY A 410 -24.62 9.43 9.45
CA GLY A 410 -23.80 10.62 9.54
C GLY A 410 -24.66 11.86 9.49
N GLY A 411 -24.04 13.03 9.54
CA GLY A 411 -24.80 14.27 9.49
C GLY A 411 -23.93 15.46 9.17
N VAL A 412 -24.54 16.61 8.88
CA VAL A 412 -23.79 17.83 8.56
C VAL A 412 -23.46 18.60 9.84
N CYS A 413 -22.53 19.53 9.74
CA CYS A 413 -22.12 20.32 10.89
C CYS A 413 -21.32 21.55 10.48
N ARG A 414 -21.99 22.71 10.47
CA ARG A 414 -21.36 23.97 10.06
C ARG A 414 -20.38 24.54 11.09
N LEU A 415 -19.18 24.84 10.62
CA LEU A 415 -18.12 25.41 11.46
C LEU A 415 -17.99 26.90 11.19
N GLU A 416 -18.27 27.69 12.23
CA GLU A 416 -18.22 29.15 12.14
C GLU A 416 -16.86 29.71 12.59
N GLY B 41 2.49 -21.68 -24.28
CA GLY B 41 3.09 -20.40 -24.81
C GLY B 41 2.87 -19.24 -23.87
N GLY B 42 3.34 -18.06 -24.26
CA GLY B 42 3.17 -16.90 -23.42
C GLY B 42 4.13 -15.78 -23.80
N PHE B 43 4.19 -14.72 -22.99
CA PHE B 43 5.07 -13.59 -23.23
C PHE B 43 5.72 -13.10 -21.93
N VAL B 44 6.80 -12.34 -22.04
CA VAL B 44 7.50 -11.84 -20.86
C VAL B 44 8.22 -10.51 -21.09
N LEU B 45 8.17 -9.66 -20.07
CA LEU B 45 8.85 -8.37 -20.08
C LEU B 45 9.45 -8.16 -18.69
N VAL B 46 10.73 -7.77 -18.67
CA VAL B 46 11.41 -7.56 -17.42
C VAL B 46 12.27 -6.29 -17.43
N HIS B 47 12.88 -6.00 -16.29
CA HIS B 47 13.77 -4.86 -16.17
C HIS B 47 14.75 -5.11 -15.02
N ALA B 48 15.88 -4.42 -15.07
CA ALA B 48 16.92 -4.56 -14.06
C ALA B 48 17.15 -3.24 -13.30
N GLY B 49 16.07 -2.47 -13.16
CA GLY B 49 16.14 -1.21 -12.44
C GLY B 49 16.19 -0.01 -13.35
N ALA B 50 15.67 1.10 -12.84
CA ALA B 50 15.65 2.36 -13.57
C ALA B 50 16.51 3.32 -12.79
N GLY B 51 17.43 4.01 -13.47
CA GLY B 51 18.27 4.96 -12.79
C GLY B 51 19.37 5.49 -13.67
N TYR B 52 20.59 5.52 -13.14
CA TYR B 52 21.74 6.00 -13.89
C TYR B 52 22.13 5.02 -14.98
N HIS B 53 22.61 5.54 -16.10
CA HIS B 53 23.07 4.70 -17.20
C HIS B 53 24.55 4.44 -16.95
N SER B 54 24.94 3.18 -16.85
CA SER B 54 26.34 2.83 -16.63
C SER B 54 26.97 2.13 -17.83
N GLU B 55 27.63 2.89 -18.71
CA GLU B 55 28.27 2.30 -19.86
C GLU B 55 29.24 1.23 -19.39
N SER B 56 29.39 0.17 -20.16
CA SER B 56 30.28 -0.90 -19.75
C SER B 56 29.52 -1.83 -18.82
N LYS B 57 28.97 -1.28 -17.75
CA LYS B 57 28.19 -2.06 -16.79
C LYS B 57 26.81 -2.27 -17.41
N ALA B 58 26.62 -1.65 -18.57
CA ALA B 58 25.36 -1.73 -19.30
C ALA B 58 25.15 -3.12 -19.89
N LYS B 59 26.25 -3.74 -20.31
CA LYS B 59 26.17 -5.07 -20.90
C LYS B 59 25.85 -6.13 -19.86
N GLU B 60 26.04 -5.82 -18.58
CA GLU B 60 25.76 -6.79 -17.53
C GLU B 60 24.26 -6.90 -17.31
N TYR B 61 23.56 -5.79 -17.51
CA TYR B 61 22.11 -5.76 -17.33
C TYR B 61 21.40 -6.48 -18.47
N LYS B 62 21.68 -6.07 -19.71
CA LYS B 62 21.06 -6.69 -20.89
C LYS B 62 21.23 -8.19 -20.83
N HIS B 63 22.37 -8.61 -20.30
CA HIS B 63 22.71 -10.01 -20.17
C HIS B 63 21.82 -10.76 -19.18
N VAL B 64 21.58 -10.17 -18.01
CA VAL B 64 20.76 -10.82 -16.98
C VAL B 64 19.29 -10.75 -17.38
N CYS B 65 18.92 -9.70 -18.12
CA CYS B 65 17.55 -9.56 -18.57
C CYS B 65 17.21 -10.74 -19.48
N LYS B 66 18.14 -11.10 -20.36
CA LYS B 66 17.96 -12.20 -21.29
C LYS B 66 17.75 -13.51 -20.53
N ARG B 67 18.70 -13.86 -19.66
CA ARG B 67 18.58 -15.09 -18.89
C ARG B 67 17.28 -15.10 -18.10
N ALA B 68 16.87 -13.93 -17.61
CA ALA B 68 15.63 -13.82 -16.83
C ALA B 68 14.43 -14.19 -17.69
N CYS B 69 14.33 -13.56 -18.85
CA CYS B 69 13.22 -13.84 -19.76
C CYS B 69 13.15 -15.34 -20.07
N GLN B 70 14.30 -15.88 -20.49
CA GLN B 70 14.41 -17.29 -20.83
C GLN B 70 13.86 -18.21 -19.74
N LYS B 71 14.36 -18.04 -18.51
CA LYS B 71 13.89 -18.86 -17.40
C LYS B 71 12.37 -18.82 -17.33
N ALA B 72 11.80 -17.67 -17.71
CA ALA B 72 10.35 -17.45 -17.70
C ALA B 72 9.66 -18.28 -18.79
N ILE B 73 10.09 -18.10 -20.03
CA ILE B 73 9.49 -18.86 -21.14
C ILE B 73 9.64 -20.34 -20.83
N GLU B 74 10.83 -20.73 -20.39
CA GLU B 74 11.12 -22.12 -20.04
C GLU B 74 10.09 -22.69 -19.07
N LYS B 75 9.96 -22.07 -17.91
CA LYS B 75 9.00 -22.53 -16.91
C LYS B 75 7.59 -22.38 -17.45
N LEU B 76 7.41 -21.38 -18.31
CA LEU B 76 6.10 -21.09 -18.88
C LEU B 76 5.64 -22.25 -19.75
N GLN B 77 6.39 -22.49 -20.82
CA GLN B 77 6.07 -23.56 -21.75
C GLN B 77 5.94 -24.88 -21.02
N ALA B 78 6.76 -25.08 -20.00
CA ALA B 78 6.71 -26.31 -19.21
C ALA B 78 5.31 -26.48 -18.65
N GLY B 79 4.46 -25.49 -18.91
CA GLY B 79 3.09 -25.53 -18.43
C GLY B 79 2.96 -25.18 -16.96
N ALA B 80 3.72 -24.18 -16.53
CA ALA B 80 3.68 -23.75 -15.14
C ALA B 80 2.84 -22.49 -15.01
N LEU B 81 2.39 -22.20 -13.79
CA LEU B 81 1.58 -21.02 -13.53
C LEU B 81 2.32 -19.74 -13.93
N ALA B 82 1.56 -18.71 -14.25
CA ALA B 82 2.13 -17.42 -14.63
C ALA B 82 2.94 -16.90 -13.44
N THR B 83 2.58 -17.38 -12.25
CA THR B 83 3.21 -17.02 -11.00
C THR B 83 4.66 -17.51 -10.93
N ASP B 84 4.88 -18.73 -11.41
CA ASP B 84 6.21 -19.33 -11.42
C ASP B 84 7.07 -18.70 -12.51
N ALA B 85 6.43 -18.24 -13.59
CA ALA B 85 7.17 -17.63 -14.67
C ALA B 85 7.84 -16.36 -14.18
N VAL B 86 7.08 -15.50 -13.49
CA VAL B 86 7.61 -14.25 -12.97
C VAL B 86 8.63 -14.46 -11.87
N THR B 87 8.36 -15.42 -11.00
CA THR B 87 9.30 -15.70 -9.93
C THR B 87 10.57 -16.19 -10.57
N ALA B 88 10.43 -17.13 -11.48
CA ALA B 88 11.57 -17.70 -12.18
C ALA B 88 12.45 -16.57 -12.72
N ALA B 89 11.82 -15.55 -13.28
CA ALA B 89 12.54 -14.42 -13.82
C ALA B 89 13.18 -13.62 -12.70
N LEU B 90 12.36 -13.15 -11.76
CA LEU B 90 12.86 -12.34 -10.65
C LEU B 90 14.08 -12.92 -9.94
N VAL B 91 14.08 -14.25 -9.75
CA VAL B 91 15.21 -14.90 -9.09
C VAL B 91 16.48 -14.67 -9.89
N GLU B 92 16.41 -14.93 -11.18
CA GLU B 92 17.54 -14.74 -12.07
C GLU B 92 18.03 -13.31 -11.90
N LEU B 93 17.11 -12.35 -11.82
CA LEU B 93 17.50 -10.96 -11.65
C LEU B 93 18.13 -10.78 -10.27
N GLU B 94 17.41 -11.25 -9.24
CA GLU B 94 17.87 -11.14 -7.85
C GLU B 94 19.29 -11.70 -7.65
N ASP B 95 19.70 -12.62 -8.52
CA ASP B 95 21.02 -13.22 -8.37
C ASP B 95 22.18 -12.46 -9.04
N SER B 96 21.89 -11.58 -9.98
CA SER B 96 22.97 -10.83 -10.60
C SER B 96 23.50 -9.82 -9.59
N PRO B 97 24.78 -9.91 -9.25
CA PRO B 97 25.35 -8.98 -8.28
C PRO B 97 25.37 -7.52 -8.76
N PHE B 98 24.77 -7.24 -9.91
CA PHE B 98 24.74 -5.86 -10.39
C PHE B 98 23.40 -5.18 -10.15
N THR B 99 22.40 -6.00 -9.81
CA THR B 99 21.06 -5.47 -9.56
C THR B 99 20.72 -5.26 -8.09
N ASN B 100 20.09 -4.12 -7.79
CA ASN B 100 19.68 -3.80 -6.43
C ASN B 100 18.49 -4.66 -6.03
N ALA B 101 18.77 -5.94 -5.80
CA ALA B 101 17.77 -6.91 -5.38
C ALA B 101 18.55 -8.18 -5.02
N GLY B 102 18.00 -9.00 -4.13
CA GLY B 102 18.69 -10.22 -3.74
C GLY B 102 20.17 -10.01 -3.45
N MET B 103 21.01 -10.78 -4.13
CA MET B 103 22.46 -10.68 -3.97
C MET B 103 22.99 -9.43 -4.67
N GLY B 104 23.75 -8.61 -3.95
CA GLY B 104 24.31 -7.41 -4.53
C GLY B 104 23.48 -6.16 -4.29
N SER B 105 22.51 -6.26 -3.37
CA SER B 105 21.63 -5.14 -3.05
C SER B 105 22.31 -4.09 -2.19
N ASN B 106 21.90 -2.84 -2.34
CA ASN B 106 22.48 -1.78 -1.56
C ASN B 106 22.47 -2.11 -0.09
N LEU B 107 23.51 -1.66 0.60
CA LEU B 107 23.64 -1.88 2.03
C LEU B 107 22.90 -0.79 2.78
N ASN B 108 22.21 -1.16 3.85
CA ASN B 108 21.47 -0.17 4.61
C ASN B 108 22.43 0.69 5.44
N LEU B 109 21.87 1.67 6.13
CA LEU B 109 22.66 2.55 6.96
C LEU B 109 23.63 1.81 7.91
N LEU B 110 23.42 0.51 8.08
CA LEU B 110 24.27 -0.31 8.96
C LEU B 110 25.16 -1.34 8.23
N GLY B 111 25.30 -1.21 6.92
CA GLY B 111 26.14 -2.14 6.20
C GLY B 111 25.46 -3.48 5.96
N GLU B 112 24.18 -3.57 6.28
CA GLU B 112 23.47 -4.81 6.05
C GLU B 112 22.47 -4.77 4.89
N ILE B 113 22.04 -5.95 4.45
CA ILE B 113 21.09 -6.09 3.34
C ILE B 113 19.67 -6.41 3.83
N GLU B 114 18.73 -5.56 3.45
CA GLU B 114 17.31 -5.71 3.80
C GLU B 114 16.52 -5.58 2.50
N CYS B 115 15.80 -6.62 2.11
CA CYS B 115 15.05 -6.63 0.85
C CYS B 115 13.54 -6.57 0.90
N ASP B 116 12.95 -5.96 -0.13
CA ASP B 116 11.50 -5.90 -0.23
C ASP B 116 11.17 -6.64 -1.54
N ALA B 117 9.97 -7.22 -1.64
CA ALA B 117 9.59 -7.93 -2.85
C ALA B 117 8.14 -8.36 -2.76
N SER B 118 7.48 -8.42 -3.90
CA SER B 118 6.09 -8.81 -3.94
C SER B 118 5.73 -9.46 -5.27
N ILE B 119 4.54 -10.05 -5.34
CA ILE B 119 4.09 -10.73 -6.55
C ILE B 119 2.56 -10.78 -6.58
N MET B 120 1.95 -10.57 -7.74
CA MET B 120 0.50 -10.58 -7.81
C MET B 120 -0.03 -11.42 -8.97
N ASP B 121 -0.95 -12.31 -8.65
CA ASP B 121 -1.56 -13.18 -9.64
C ASP B 121 -2.82 -12.53 -10.18
N GLY B 122 -2.85 -12.29 -11.49
CA GLY B 122 -3.99 -11.64 -12.10
C GLY B 122 -5.26 -12.47 -12.18
N LYS B 123 -5.13 -13.78 -12.04
CA LYS B 123 -6.28 -14.68 -12.10
C LYS B 123 -6.95 -14.72 -10.75
N SER B 124 -6.19 -15.16 -9.75
CA SER B 124 -6.72 -15.29 -8.39
C SER B 124 -6.80 -13.93 -7.69
N LEU B 125 -5.95 -13.00 -8.13
CA LEU B 125 -5.88 -11.66 -7.55
C LEU B 125 -5.23 -11.72 -6.17
N ASN B 126 -4.39 -12.73 -5.95
CA ASN B 126 -3.70 -12.86 -4.68
C ASN B 126 -2.44 -12.02 -4.71
N PHE B 127 -1.81 -11.88 -3.55
CA PHE B 127 -0.60 -11.06 -3.43
C PHE B 127 0.32 -11.63 -2.37
N GLY B 128 1.61 -11.49 -2.58
CA GLY B 128 2.58 -11.97 -1.62
C GLY B 128 3.71 -10.98 -1.49
N ALA B 129 3.98 -10.52 -0.28
CA ALA B 129 5.03 -9.52 -0.06
C ALA B 129 5.85 -9.72 1.21
N VAL B 130 7.12 -9.34 1.12
CA VAL B 130 8.02 -9.40 2.27
C VAL B 130 8.74 -8.06 2.27
N GLY B 131 8.99 -7.53 3.45
CA GLY B 131 9.69 -6.26 3.56
C GLY B 131 10.80 -6.31 4.60
N ALA B 132 11.92 -5.64 4.33
CA ALA B 132 13.04 -5.61 5.28
C ALA B 132 13.43 -7.03 5.68
N LEU B 133 13.58 -7.90 4.69
CA LEU B 133 13.95 -9.29 4.91
C LEU B 133 15.43 -9.56 4.68
N SER B 134 16.11 -10.02 5.72
CA SER B 134 17.54 -10.34 5.65
C SER B 134 17.68 -11.84 5.89
N GLY B 135 18.75 -12.44 5.39
CA GLY B 135 18.97 -13.86 5.61
C GLY B 135 18.35 -14.81 4.61
N ILE B 136 17.82 -14.28 3.51
CA ILE B 136 17.22 -15.14 2.48
C ILE B 136 17.79 -14.74 1.12
N LYS B 137 18.30 -15.73 0.39
CA LYS B 137 18.89 -15.48 -0.91
C LYS B 137 17.89 -14.92 -1.93
N ASN B 138 16.68 -15.46 -1.99
CA ASN B 138 15.71 -14.95 -2.96
C ASN B 138 14.41 -14.51 -2.32
N PRO B 139 14.28 -13.21 -2.00
CA PRO B 139 13.09 -12.64 -1.38
C PRO B 139 11.81 -12.93 -2.16
N VAL B 140 11.87 -12.79 -3.48
CA VAL B 140 10.71 -13.04 -4.34
C VAL B 140 10.10 -14.42 -4.06
N SER B 141 10.94 -15.40 -3.75
CA SER B 141 10.49 -16.76 -3.45
C SER B 141 9.58 -16.78 -2.23
N VAL B 142 9.95 -16.01 -1.21
CA VAL B 142 9.16 -15.95 0.01
C VAL B 142 7.86 -15.26 -0.34
N ALA B 143 7.95 -14.26 -1.21
CA ALA B 143 6.77 -13.52 -1.63
C ALA B 143 5.87 -14.51 -2.35
N ASN B 144 6.44 -15.26 -3.30
CA ASN B 144 5.68 -16.25 -4.05
C ASN B 144 5.05 -17.25 -3.08
N ARG B 145 5.88 -17.88 -2.26
CA ARG B 145 5.40 -18.85 -1.27
C ARG B 145 4.17 -18.31 -0.52
N LEU B 146 4.32 -17.14 0.09
CA LEU B 146 3.23 -16.52 0.82
C LEU B 146 1.97 -16.49 -0.01
N LEU B 147 2.12 -16.21 -1.30
CA LEU B 147 0.96 -16.14 -2.16
C LEU B 147 0.26 -17.50 -2.16
N CYS B 148 0.95 -18.53 -2.63
CA CYS B 148 0.39 -19.90 -2.71
C CYS B 148 -0.35 -20.32 -1.46
N GLU B 149 0.33 -20.30 -0.32
CA GLU B 149 -0.29 -20.68 0.93
C GLU B 149 -1.61 -19.94 1.08
N GLY B 150 -1.68 -18.76 0.48
CA GLY B 150 -2.89 -17.97 0.56
C GLY B 150 -3.96 -18.61 -0.29
N GLN B 151 -3.66 -18.80 -1.58
CA GLN B 151 -4.60 -19.41 -2.51
C GLN B 151 -5.24 -20.67 -1.92
N LYS B 152 -4.41 -21.52 -1.32
CA LYS B 152 -4.89 -22.76 -0.72
C LYS B 152 -6.25 -22.61 -0.03
N GLY B 153 -6.25 -22.04 1.17
CA GLY B 153 -7.52 -21.89 1.86
C GLY B 153 -7.45 -21.09 3.15
N LYS B 154 -8.37 -21.41 4.06
CA LYS B 154 -8.44 -20.73 5.34
C LYS B 154 -8.08 -21.68 6.48
N LEU B 155 -7.08 -21.28 7.26
CA LEU B 155 -6.63 -22.09 8.40
C LEU B 155 -7.76 -22.31 9.41
N SER B 156 -8.91 -21.70 9.14
CA SER B 156 -10.08 -21.81 10.01
C SER B 156 -11.37 -21.95 9.20
N ARG B 159 -9.25 -17.67 10.54
CA ARG B 159 -7.88 -17.34 10.22
C ARG B 159 -7.68 -17.15 8.71
N ILE B 160 -7.23 -15.96 8.33
CA ILE B 160 -6.96 -15.67 6.93
C ILE B 160 -5.45 -15.68 6.78
N PRO B 161 -4.93 -16.36 5.74
CA PRO B 161 -3.48 -16.46 5.49
C PRO B 161 -2.82 -15.09 5.43
N PRO B 162 -1.52 -15.02 5.74
CA PRO B 162 -0.82 -13.73 5.70
C PRO B 162 -0.19 -13.45 4.34
N CYS B 163 -0.41 -12.26 3.81
CA CYS B 163 0.16 -11.91 2.51
C CYS B 163 1.36 -10.98 2.62
N PHE B 164 1.50 -10.32 3.77
CA PHE B 164 2.59 -9.38 4.00
C PHE B 164 3.32 -9.61 5.31
N LEU B 165 4.58 -10.03 5.22
CA LEU B 165 5.40 -10.26 6.39
C LEU B 165 6.70 -9.45 6.33
N VAL B 166 7.14 -8.91 7.47
CA VAL B 166 8.38 -8.13 7.48
C VAL B 166 9.43 -8.64 8.47
N GLY B 167 10.68 -8.26 8.20
CA GLY B 167 11.82 -8.62 9.01
C GLY B 167 11.95 -9.99 9.67
N GLU B 168 12.16 -9.93 10.97
CA GLU B 168 12.33 -11.11 11.81
C GLU B 168 11.41 -12.29 11.45
N GLY B 169 10.11 -12.12 11.66
CA GLY B 169 9.18 -13.19 11.35
C GLY B 169 9.20 -13.60 9.89
N ALA B 170 9.43 -12.63 9.01
CA ALA B 170 9.50 -12.90 7.58
C ALA B 170 10.59 -13.92 7.31
N TYR B 171 11.68 -13.83 8.08
CA TYR B 171 12.79 -14.77 7.93
C TYR B 171 12.38 -16.13 8.49
N ARG B 172 12.05 -16.15 9.78
CA ARG B 172 11.64 -17.38 10.43
C ARG B 172 10.66 -18.16 9.55
N TRP B 173 9.73 -17.44 8.95
CA TRP B 173 8.73 -18.04 8.07
C TRP B 173 9.40 -18.66 6.85
N ALA B 174 10.11 -17.83 6.09
CA ALA B 174 10.80 -18.29 4.89
C ALA B 174 11.63 -19.53 5.23
N VAL B 175 12.12 -19.57 6.47
CA VAL B 175 12.93 -20.68 6.95
C VAL B 175 12.10 -21.94 7.21
N ASP B 176 10.95 -21.78 7.86
CA ASP B 176 10.08 -22.92 8.13
C ASP B 176 9.37 -23.35 6.84
N HIS B 177 9.89 -22.91 5.71
CA HIS B 177 9.31 -23.26 4.42
C HIS B 177 10.41 -23.60 3.44
N GLY B 178 11.51 -24.11 4.00
CA GLY B 178 12.65 -24.50 3.20
C GLY B 178 13.04 -23.52 2.12
N ILE B 179 13.21 -22.25 2.48
CA ILE B 179 13.62 -21.25 1.52
C ILE B 179 15.07 -20.88 1.84
N PRO B 180 15.99 -21.25 0.94
CA PRO B 180 17.42 -20.99 1.09
C PRO B 180 17.82 -19.65 1.71
N SER B 181 18.63 -19.73 2.75
CA SER B 181 19.13 -18.56 3.46
C SER B 181 20.61 -18.34 3.09
N CYS B 182 21.13 -17.16 3.38
CA CYS B 182 22.53 -16.86 3.08
C CYS B 182 23.28 -16.44 4.34
N SER B 234 15.98 -2.03 -7.96
CA SER B 234 14.86 -2.96 -7.99
C SER B 234 14.80 -3.72 -9.31
N VAL B 235 14.17 -4.89 -9.28
CA VAL B 235 14.03 -5.72 -10.47
C VAL B 235 12.57 -6.06 -10.63
N GLY B 236 12.09 -6.15 -11.86
CA GLY B 236 10.69 -6.47 -12.06
C GLY B 236 10.44 -7.35 -13.27
N ALA B 237 9.27 -7.95 -13.33
CA ALA B 237 8.93 -8.80 -14.46
C ALA B 237 7.43 -9.03 -14.56
N VAL B 238 6.88 -8.81 -15.74
CA VAL B 238 5.46 -9.02 -16.00
C VAL B 238 5.28 -10.10 -17.06
N VAL B 239 4.33 -11.01 -16.85
CA VAL B 239 4.12 -12.10 -17.77
C VAL B 239 2.66 -12.38 -18.09
N VAL B 240 2.43 -13.10 -19.19
CA VAL B 240 1.10 -13.49 -19.63
C VAL B 240 1.22 -14.91 -20.21
N ASP B 241 0.47 -15.86 -19.64
CA ASP B 241 0.52 -17.24 -20.10
C ASP B 241 -0.42 -17.38 -21.29
N HIS B 242 -0.32 -18.50 -22.00
CA HIS B 242 -1.17 -18.70 -23.17
C HIS B 242 -2.65 -18.54 -22.89
N GLU B 243 -3.09 -18.97 -21.71
CA GLU B 243 -4.51 -18.87 -21.36
C GLU B 243 -5.02 -17.43 -21.21
N GLY B 244 -4.09 -16.47 -21.26
CA GLY B 244 -4.47 -15.07 -21.14
C GLY B 244 -4.29 -14.49 -19.75
N ASN B 245 -3.85 -15.32 -18.80
CA ASN B 245 -3.63 -14.89 -17.41
C ASN B 245 -2.39 -14.01 -17.31
N VAL B 246 -2.37 -13.17 -16.29
CA VAL B 246 -1.24 -12.27 -16.06
C VAL B 246 -0.72 -12.38 -14.63
N ALA B 247 0.56 -12.03 -14.46
CA ALA B 247 1.24 -12.07 -13.16
C ALA B 247 2.32 -10.99 -13.16
N ALA B 248 2.53 -10.37 -12.01
CA ALA B 248 3.54 -9.33 -11.86
C ALA B 248 4.37 -9.57 -10.60
N ALA B 249 5.66 -9.24 -10.68
CA ALA B 249 6.57 -9.40 -9.56
C ALA B 249 7.55 -8.25 -9.50
N VAL B 250 8.01 -7.94 -8.29
CA VAL B 250 8.97 -6.89 -8.10
C VAL B 250 9.87 -7.26 -6.90
N SER B 251 11.13 -6.86 -6.98
CA SER B 251 12.08 -7.14 -5.91
C SER B 251 13.11 -6.00 -5.82
N SER B 252 13.38 -5.52 -4.62
CA SER B 252 14.32 -4.43 -4.46
C SER B 252 15.18 -4.53 -3.21
N GLY B 253 16.32 -3.85 -3.27
CA GLY B 253 17.25 -3.81 -2.16
C GLY B 253 17.03 -2.51 -1.42
N GLY B 254 16.17 -1.66 -1.98
CA GLY B 254 15.85 -0.39 -1.36
C GLY B 254 16.94 0.66 -1.49
N LEU B 255 16.61 1.88 -1.07
CA LEU B 255 17.53 3.02 -1.09
C LEU B 255 18.85 2.66 -0.40
N ALA B 256 19.96 3.11 -0.97
CA ALA B 256 21.27 2.83 -0.42
C ALA B 256 21.45 3.58 0.90
N LEU B 257 22.00 2.90 1.89
CA LEU B 257 22.23 3.51 3.19
C LEU B 257 20.94 3.94 3.87
N LYS B 258 19.86 3.23 3.58
CA LYS B 258 18.57 3.54 4.18
C LYS B 258 18.61 3.15 5.64
N HIS B 259 17.86 3.86 6.47
CA HIS B 259 17.79 3.58 7.89
C HIS B 259 17.13 2.20 8.01
N PRO B 260 17.69 1.31 8.86
CA PRO B 260 17.15 -0.04 9.06
C PRO B 260 15.63 -0.10 9.16
N GLY B 261 15.05 -1.16 8.61
CA GLY B 261 13.61 -1.34 8.64
C GLY B 261 12.82 -0.43 7.72
N ARG B 262 13.51 0.25 6.80
CA ARG B 262 12.83 1.13 5.87
C ARG B 262 12.28 0.34 4.70
N VAL B 263 10.95 0.33 4.57
CA VAL B 263 10.28 -0.40 3.51
C VAL B 263 9.91 0.49 2.34
N GLY B 264 10.09 -0.03 1.13
CA GLY B 264 9.77 0.73 -0.07
C GLY B 264 8.67 0.09 -0.91
N GLN B 265 8.49 0.61 -2.12
CA GLN B 265 7.47 0.14 -3.07
C GLN B 265 7.48 -1.36 -3.35
N ALA B 266 8.65 -1.93 -3.61
CA ALA B 266 8.77 -3.36 -3.91
C ALA B 266 7.99 -4.28 -2.97
N ALA B 267 7.59 -3.75 -1.82
CA ALA B 267 6.87 -4.57 -0.85
C ALA B 267 5.43 -4.13 -0.61
N LEU B 268 5.04 -2.98 -1.15
CA LEU B 268 3.70 -2.45 -0.92
C LEU B 268 2.66 -2.66 -2.01
N TYR B 269 1.58 -3.32 -1.60
CA TYR B 269 0.46 -3.63 -2.46
C TYR B 269 0.08 -2.41 -3.31
N GLY B 270 -0.18 -2.65 -4.60
CA GLY B 270 -0.57 -1.59 -5.50
C GLY B 270 0.48 -0.56 -5.85
N CYS B 271 1.68 -0.69 -5.29
CA CYS B 271 2.75 0.27 -5.54
C CYS B 271 3.88 -0.29 -6.40
N GLY B 272 4.46 -1.40 -5.94
CA GLY B 272 5.57 -2.02 -6.67
C GLY B 272 5.19 -2.84 -7.87
N CYS B 273 4.05 -3.52 -7.83
CA CYS B 273 3.61 -4.34 -8.95
C CYS B 273 2.10 -4.51 -8.95
N TRP B 274 1.55 -4.95 -10.07
CA TRP B 274 0.11 -5.16 -10.15
C TRP B 274 -0.23 -6.14 -11.26
N ALA B 275 -1.28 -6.91 -11.04
CA ALA B 275 -1.70 -7.91 -12.02
C ALA B 275 -3.20 -8.16 -11.85
N GLU B 276 -3.95 -8.00 -12.94
CA GLU B 276 -5.39 -8.18 -12.91
C GLU B 276 -5.96 -8.62 -14.25
N ASN B 277 -6.50 -9.84 -14.27
CA ASN B 277 -7.11 -10.41 -15.47
C ASN B 277 -8.31 -9.61 -15.90
N THR B 278 -8.65 -9.71 -17.19
CA THR B 278 -9.80 -9.00 -17.71
C THR B 278 -10.97 -9.40 -16.82
N GLY B 279 -11.87 -8.45 -16.55
CA GLY B 279 -13.00 -8.76 -15.71
C GLY B 279 -14.25 -8.05 -16.16
N ALA B 280 -15.35 -8.25 -15.46
CA ALA B 280 -16.61 -7.60 -15.80
C ALA B 280 -16.40 -6.11 -16.02
N HIS B 281 -15.38 -5.56 -15.38
CA HIS B 281 -15.09 -4.15 -15.51
C HIS B 281 -13.87 -3.85 -16.38
N ASN B 282 -12.71 -4.37 -15.99
CA ASN B 282 -11.51 -4.13 -16.79
C ASN B 282 -11.49 -5.08 -18.01
N PRO B 283 -11.66 -4.52 -19.21
CA PRO B 283 -11.68 -5.30 -20.45
C PRO B 283 -10.35 -5.99 -20.70
N TYR B 284 -9.28 -5.36 -20.25
CA TYR B 284 -7.93 -5.87 -20.46
C TYR B 284 -7.27 -6.54 -19.27
N SER B 285 -6.57 -7.64 -19.52
CA SER B 285 -5.80 -8.33 -18.49
C SER B 285 -4.56 -7.46 -18.44
N THR B 286 -4.24 -6.91 -17.28
CA THR B 286 -3.08 -6.03 -17.18
C THR B 286 -2.10 -6.41 -16.09
N ALA B 287 -0.81 -6.14 -16.35
CA ALA B 287 0.26 -6.44 -15.42
C ALA B 287 1.28 -5.31 -15.42
N VAL B 288 1.67 -4.88 -14.21
CA VAL B 288 2.61 -3.77 -14.07
C VAL B 288 3.66 -4.01 -12.98
N SER B 289 4.87 -3.57 -13.26
CA SER B 289 5.97 -3.69 -12.31
C SER B 289 6.71 -2.35 -12.34
N THR B 290 7.04 -1.81 -11.18
CA THR B 290 7.75 -0.52 -11.08
C THR B 290 9.21 -0.61 -10.64
N SER B 291 9.86 0.55 -10.65
CA SER B 291 11.26 0.67 -10.25
C SER B 291 11.61 2.15 -10.04
N GLY B 292 12.66 2.42 -9.28
CA GLY B 292 13.05 3.79 -9.03
C GLY B 292 12.88 4.25 -7.60
N CYS B 293 12.81 5.56 -7.42
CA CYS B 293 12.64 6.19 -6.11
C CYS B 293 11.39 5.66 -5.42
N GLY B 294 11.59 4.68 -4.54
CA GLY B 294 10.50 4.04 -3.82
C GLY B 294 9.45 4.91 -3.18
N GLU B 295 9.86 5.99 -2.53
CA GLU B 295 8.92 6.88 -1.87
C GLU B 295 7.98 7.45 -2.92
N HIS B 296 8.56 7.84 -4.05
CA HIS B 296 7.81 8.42 -5.16
C HIS B 296 6.74 7.49 -5.73
N LEU B 297 7.08 6.21 -5.85
CA LEU B 297 6.17 5.21 -6.38
C LEU B 297 5.07 4.88 -5.38
N VAL B 298 5.44 4.83 -4.10
CA VAL B 298 4.46 4.51 -3.08
C VAL B 298 3.36 5.55 -2.94
N ARG B 299 3.73 6.82 -2.80
CA ARG B 299 2.74 7.90 -2.63
C ARG B 299 1.83 8.11 -3.85
N THR B 300 2.28 7.64 -5.00
CA THR B 300 1.49 7.76 -6.21
C THR B 300 0.75 6.44 -6.50
N ILE B 301 1.04 5.42 -5.71
CA ILE B 301 0.45 4.09 -5.87
C ILE B 301 0.48 3.79 -7.37
N LEU B 302 1.59 4.20 -8.00
CA LEU B 302 1.81 4.07 -9.43
C LEU B 302 1.45 2.77 -10.13
N ALA B 303 1.88 1.64 -9.57
CA ALA B 303 1.59 0.34 -10.17
C ALA B 303 0.13 0.14 -10.47
N ARG B 304 -0.73 0.30 -9.45
CA ARG B 304 -2.16 0.11 -9.67
C ARG B 304 -2.71 1.20 -10.56
N GLU B 305 -2.15 2.40 -10.46
CA GLU B 305 -2.61 3.54 -11.25
C GLU B 305 -2.41 3.27 -12.74
N CYS B 306 -1.31 2.61 -13.07
CA CYS B 306 -1.02 2.29 -14.45
C CYS B 306 -1.98 1.23 -14.96
N SER B 307 -2.42 0.33 -14.09
CA SER B 307 -3.34 -0.71 -14.52
C SER B 307 -4.70 -0.10 -14.83
N HIS B 308 -5.08 0.91 -14.06
CA HIS B 308 -6.37 1.58 -14.26
C HIS B 308 -6.32 2.34 -15.57
N ALA B 309 -5.23 3.10 -15.75
CA ALA B 309 -5.04 3.91 -16.93
C ALA B 309 -5.01 3.08 -18.20
N LEU B 310 -4.30 1.96 -18.16
CA LEU B 310 -4.23 1.11 -19.34
C LEU B 310 -5.58 0.60 -19.79
N GLN B 311 -6.62 0.89 -19.02
CA GLN B 311 -7.96 0.45 -19.38
C GLN B 311 -8.59 1.38 -20.42
N ALA B 312 -7.93 2.48 -20.71
CA ALA B 312 -8.41 3.42 -21.73
C ALA B 312 -8.14 2.77 -23.10
N GLU B 313 -8.62 3.37 -24.18
CA GLU B 313 -8.42 2.79 -25.50
C GLU B 313 -6.95 2.74 -25.96
N ASP B 314 -6.32 3.90 -26.12
CA ASP B 314 -4.92 3.94 -26.54
C ASP B 314 -3.98 3.82 -25.36
N ALA B 315 -3.46 2.61 -25.15
CA ALA B 315 -2.55 2.31 -24.05
C ALA B 315 -1.37 3.27 -23.98
N HIS B 316 -0.64 3.40 -25.09
CA HIS B 316 0.52 4.27 -25.16
C HIS B 316 0.20 5.69 -24.65
N GLN B 317 -0.94 6.22 -25.06
CA GLN B 317 -1.35 7.56 -24.64
C GLN B 317 -1.67 7.54 -23.14
N ALA B 318 -2.38 6.51 -22.71
CA ALA B 318 -2.77 6.36 -21.31
C ALA B 318 -1.53 6.28 -20.42
N LEU B 319 -0.62 5.35 -20.74
CA LEU B 319 0.61 5.20 -19.96
C LEU B 319 1.41 6.50 -19.85
N LEU B 320 1.51 7.24 -20.95
CA LEU B 320 2.25 8.49 -20.94
C LEU B 320 1.61 9.54 -20.03
N GLU B 321 0.30 9.76 -20.20
CA GLU B 321 -0.41 10.75 -19.39
C GLU B 321 -0.39 10.44 -17.90
N THR B 322 -0.25 9.16 -17.58
CA THR B 322 -0.18 8.77 -16.18
C THR B 322 1.18 9.17 -15.64
N MET B 323 2.25 8.81 -16.36
CA MET B 323 3.62 9.15 -15.96
C MET B 323 3.83 10.66 -15.83
N GLN B 324 3.03 11.44 -16.56
CA GLN B 324 3.16 12.87 -16.50
C GLN B 324 2.25 13.49 -15.45
N ASN B 325 0.95 13.32 -15.64
CA ASN B 325 -0.03 13.91 -14.73
C ASN B 325 -0.19 13.22 -13.38
N LYS B 326 0.05 11.91 -13.32
CA LYS B 326 -0.10 11.17 -12.08
C LYS B 326 1.21 10.72 -11.45
N PHE B 327 2.33 11.23 -11.95
CA PHE B 327 3.63 10.87 -11.41
C PHE B 327 4.50 12.12 -11.32
N ILE B 328 5.11 12.51 -12.43
CA ILE B 328 5.94 13.71 -12.42
C ILE B 328 5.21 14.92 -11.85
N SER B 329 4.04 15.22 -12.42
CA SER B 329 3.23 16.35 -11.98
C SER B 329 2.18 15.99 -10.93
N SER B 330 2.29 14.79 -10.35
CA SER B 330 1.33 14.37 -9.33
C SER B 330 1.33 15.27 -8.10
N PRO B 331 0.14 15.74 -7.70
CA PRO B 331 0.01 16.63 -6.53
C PRO B 331 0.76 16.13 -5.31
N PHE B 332 0.77 14.82 -5.09
CA PHE B 332 1.45 14.24 -3.92
C PHE B 332 2.96 14.40 -3.95
N LEU B 333 3.53 14.74 -5.11
CA LEU B 333 4.96 14.91 -5.21
C LEU B 333 5.34 16.35 -5.57
N ALA B 334 4.33 17.22 -5.56
CA ALA B 334 4.54 18.62 -5.89
C ALA B 334 5.71 19.24 -5.12
N SER B 335 6.09 18.60 -4.02
CA SER B 335 7.20 19.10 -3.20
C SER B 335 8.53 18.50 -3.63
N GLU B 336 8.47 17.32 -4.23
CA GLU B 336 9.67 16.62 -4.68
C GLU B 336 10.17 17.29 -5.96
N ASP B 337 11.39 17.77 -5.93
CA ASP B 337 11.98 18.40 -7.11
C ASP B 337 12.65 17.29 -7.91
N GLY B 338 11.90 16.69 -8.82
CA GLY B 338 12.43 15.62 -9.63
C GLY B 338 11.86 14.27 -9.22
N VAL B 339 11.02 13.70 -10.08
CA VAL B 339 10.40 12.41 -9.81
C VAL B 339 11.05 11.32 -10.65
N LEU B 340 11.58 10.31 -9.97
CA LEU B 340 12.29 9.22 -10.63
C LEU B 340 11.61 7.89 -10.47
N GLY B 341 11.28 7.27 -11.61
CA GLY B 341 10.64 5.98 -11.61
C GLY B 341 10.57 5.42 -13.01
N GLY B 342 10.33 4.11 -13.09
CA GLY B 342 10.23 3.46 -14.37
C GLY B 342 9.22 2.35 -14.20
N VAL B 343 8.52 2.00 -15.27
CA VAL B 343 7.54 0.93 -15.19
C VAL B 343 7.54 0.13 -16.46
N ILE B 344 7.24 -1.15 -16.33
CA ILE B 344 7.11 -2.00 -17.48
C ILE B 344 5.74 -2.58 -17.27
N VAL B 345 4.97 -2.70 -18.34
CA VAL B 345 3.60 -3.22 -18.24
C VAL B 345 3.23 -3.99 -19.50
N LEU B 346 2.21 -4.84 -19.39
CA LEU B 346 1.72 -5.62 -20.52
C LEU B 346 0.19 -5.70 -20.40
N ARG B 347 -0.48 -5.69 -21.55
CA ARG B 347 -1.95 -5.70 -21.66
C ARG B 347 -2.41 -6.75 -22.66
N SER B 348 -3.27 -7.67 -22.24
CA SER B 348 -3.73 -8.70 -23.16
C SER B 348 -5.23 -8.72 -23.35
N CYS B 349 -5.69 -9.51 -24.30
CA CYS B 349 -7.10 -9.68 -24.59
C CYS B 349 -7.27 -10.62 -25.77
N ARG B 350 -8.31 -11.45 -25.72
CA ARG B 350 -8.59 -12.40 -26.79
C ARG B 350 -9.35 -11.72 -27.94
N CYS B 351 -9.01 -12.08 -29.17
CA CYS B 351 -9.64 -11.51 -30.36
C CYS B 351 -10.27 -12.60 -31.23
N GLN B 362 -8.37 -17.72 -32.99
CA GLN B 362 -8.13 -17.56 -31.55
C GLN B 362 -6.73 -17.01 -31.28
N THR B 363 -6.63 -15.75 -30.91
CA THR B 363 -5.31 -15.16 -30.62
C THR B 363 -5.32 -14.35 -29.34
N LEU B 364 -4.12 -14.03 -28.86
CA LEU B 364 -3.98 -13.24 -27.65
C LEU B 364 -3.16 -12.01 -27.99
N LEU B 365 -3.85 -10.89 -28.18
CA LEU B 365 -3.23 -9.62 -28.53
C LEU B 365 -2.57 -8.97 -27.30
N VAL B 366 -1.25 -8.85 -27.34
CA VAL B 366 -0.48 -8.28 -26.23
C VAL B 366 0.28 -6.97 -26.51
N GLU B 367 0.00 -5.93 -25.74
CA GLU B 367 0.69 -4.66 -25.91
C GLU B 367 1.54 -4.54 -24.67
N PHE B 368 2.83 -4.31 -24.84
CA PHE B 368 3.73 -4.18 -23.72
C PHE B 368 4.55 -2.92 -23.87
N LEU B 369 4.78 -2.23 -22.75
CA LEU B 369 5.55 -1.00 -22.81
C LEU B 369 6.46 -0.87 -21.61
N TRP B 370 7.33 0.13 -21.69
CA TRP B 370 8.23 0.48 -20.63
C TRP B 370 8.33 2.00 -20.67
N SER B 371 8.34 2.62 -19.51
CA SER B 371 8.42 4.07 -19.42
C SER B 371 9.24 4.42 -18.20
N HIS B 372 9.92 5.56 -18.26
CA HIS B 372 10.72 6.00 -17.13
C HIS B 372 11.11 7.45 -17.23
N THR B 373 11.32 8.03 -16.05
CA THR B 373 11.69 9.43 -15.93
C THR B 373 13.14 9.48 -15.47
N THR B 374 13.74 8.29 -15.34
CA THR B 374 15.13 8.17 -14.92
C THR B 374 15.98 8.20 -16.17
N GLU B 375 17.28 8.45 -15.98
CA GLU B 375 18.20 8.47 -17.09
C GLU B 375 18.06 7.25 -17.98
N SER B 376 17.83 6.10 -17.36
CA SER B 376 17.70 4.87 -18.14
C SER B 376 16.97 3.74 -17.42
N MET B 377 16.90 2.61 -18.12
CA MET B 377 16.23 1.42 -17.64
C MET B 377 16.48 0.34 -18.67
N CYS B 378 17.03 -0.78 -18.23
CA CYS B 378 17.30 -1.88 -19.13
C CYS B 378 16.18 -2.90 -19.01
N VAL B 379 15.48 -3.13 -20.13
CA VAL B 379 14.38 -4.08 -20.13
C VAL B 379 14.72 -5.26 -21.02
N GLY B 380 13.86 -6.26 -21.04
CA GLY B 380 14.08 -7.42 -21.87
C GLY B 380 12.78 -8.14 -22.13
N TYR B 381 12.38 -8.25 -23.40
CA TYR B 381 11.14 -8.94 -23.74
C TYR B 381 11.37 -10.12 -24.70
N MET B 382 10.52 -11.13 -24.59
CA MET B 382 10.65 -12.31 -25.42
C MET B 382 9.34 -13.08 -25.45
N SER B 383 8.95 -13.56 -26.63
CA SER B 383 7.71 -14.31 -26.76
C SER B 383 7.96 -15.81 -26.69
N ALA B 384 6.91 -16.58 -26.45
CA ALA B 384 7.01 -18.03 -26.35
C ALA B 384 7.83 -18.64 -27.48
N GLN B 385 7.18 -18.97 -28.58
CA GLN B 385 7.88 -19.56 -29.70
C GLN B 385 8.89 -18.60 -30.33
N ASP B 386 9.02 -17.42 -29.74
CA ASP B 386 9.94 -16.40 -30.25
C ASP B 386 11.37 -16.95 -30.33
N GLY B 387 11.73 -17.78 -29.36
CA GLY B 387 13.05 -18.37 -29.33
C GLY B 387 14.19 -17.35 -29.27
N LYS B 388 13.85 -16.07 -29.38
CA LYS B 388 14.87 -15.01 -29.33
C LYS B 388 14.52 -13.97 -28.27
N ALA B 389 15.52 -13.58 -27.49
CA ALA B 389 15.35 -12.59 -26.43
C ALA B 389 15.93 -11.25 -26.84
N LYS B 390 15.11 -10.21 -26.77
CA LYS B 390 15.57 -8.86 -27.13
C LYS B 390 15.76 -7.99 -25.88
N THR B 391 16.91 -7.34 -25.80
CA THR B 391 17.22 -6.46 -24.68
C THR B 391 17.35 -5.04 -25.17
N HIS B 392 17.19 -4.07 -24.27
CA HIS B 392 17.28 -2.67 -24.64
C HIS B 392 17.61 -1.80 -23.43
N ILE B 393 18.31 -0.69 -23.67
CA ILE B 393 18.65 0.24 -22.60
C ILE B 393 17.93 1.54 -22.92
N SER B 394 16.71 1.68 -22.41
CA SER B 394 15.95 2.90 -22.66
C SER B 394 16.71 4.09 -22.11
N ARG B 395 16.71 5.19 -22.86
CA ARG B 395 17.43 6.40 -22.47
C ARG B 395 16.60 7.65 -22.71
N LEU B 396 16.69 8.63 -21.81
CA LEU B 396 15.94 9.87 -21.99
C LEU B 396 16.46 10.63 -23.22
N PRO B 397 15.54 11.23 -24.00
CA PRO B 397 15.90 11.99 -25.20
C PRO B 397 17.07 12.95 -24.95
N PRO B 398 18.10 12.91 -25.81
CA PRO B 398 19.25 13.79 -25.66
C PRO B 398 18.86 15.20 -25.23
N GLY B 399 19.54 15.71 -24.21
CA GLY B 399 19.24 17.03 -23.70
C GLY B 399 17.95 17.08 -22.90
N ALA B 400 17.47 15.92 -22.43
CA ALA B 400 16.24 15.86 -21.65
C ALA B 400 16.50 15.53 -20.20
N VAL B 401 16.21 16.50 -19.33
CA VAL B 401 16.41 16.35 -17.89
C VAL B 401 15.72 15.10 -17.30
N ALA B 402 16.44 14.41 -16.42
CA ALA B 402 15.88 13.24 -15.75
C ALA B 402 15.05 13.74 -14.58
N GLY B 403 13.98 13.03 -14.27
CA GLY B 403 13.13 13.45 -13.17
C GLY B 403 12.31 14.66 -13.59
N GLN B 404 12.29 14.93 -14.88
CA GLN B 404 11.53 16.05 -15.44
C GLN B 404 10.88 15.61 -16.74
N SER B 405 11.49 14.63 -17.38
CA SER B 405 11.01 14.11 -18.66
C SER B 405 10.53 12.66 -18.58
N VAL B 406 9.88 12.22 -19.65
CA VAL B 406 9.34 10.86 -19.74
C VAL B 406 9.75 10.15 -21.03
N ALA B 407 10.30 8.95 -20.89
CA ALA B 407 10.67 8.16 -22.05
C ALA B 407 9.71 6.98 -22.08
N ILE B 408 9.22 6.62 -23.27
CA ILE B 408 8.30 5.50 -23.37
C ILE B 408 8.38 4.80 -24.71
N GLU B 409 8.33 3.48 -24.67
CA GLU B 409 8.39 2.66 -25.86
C GLU B 409 7.53 1.44 -25.60
N GLY B 410 7.41 0.57 -26.60
CA GLY B 410 6.59 -0.61 -26.44
C GLY B 410 6.14 -1.21 -27.76
N GLY B 411 6.17 -2.54 -27.84
CA GLY B 411 5.76 -3.21 -29.06
C GLY B 411 4.47 -4.00 -28.87
N VAL B 412 4.12 -4.78 -29.87
CA VAL B 412 2.92 -5.60 -29.83
C VAL B 412 3.27 -7.02 -30.17
N CYS B 413 2.71 -7.98 -29.42
CA CYS B 413 2.97 -9.39 -29.63
C CYS B 413 1.66 -10.15 -29.84
N ARG B 414 1.72 -11.22 -30.63
CA ARG B 414 0.53 -12.01 -30.93
C ARG B 414 0.83 -13.47 -30.60
N LEU B 415 0.04 -14.05 -29.70
CA LEU B 415 0.25 -15.44 -29.29
C LEU B 415 -0.85 -16.38 -29.74
N GLU B 416 -0.64 -17.66 -29.44
CA GLU B 416 -1.56 -18.75 -29.76
C GLU B 416 -1.65 -18.99 -31.28
CL CL C . -10.40 -1.89 19.18
CL CL D . 15.25 0.84 -6.74
#